data_4HQZ
#
_entry.id   4HQZ
#
_cell.length_a   32.100
_cell.length_b   36.080
_cell.length_c   58.640
_cell.angle_alpha   101.13
_cell.angle_beta   100.26
_cell.angle_gamma   101.59
#
_symmetry.space_group_name_H-M   'P 1'
#
loop_
_entity.id
_entity.type
_entity.pdbx_description
1 polymer 'Thioredoxin family protein'
2 non-polymer '2-HYDROXYETHYL DISULFIDE'
3 non-polymer DI(HYDROXYETHYL)ETHER
4 water water
#
_entity_poly.entity_id   1
_entity_poly.type   'polypeptide(L)'
_entity_poly.pdbx_seq_one_letter_code
;MGSSHHHHHHMSGENLYFQGASGEEETKKTQAAQQPKQQTTVQQIAVGKDAPDFTLQSMDGKEVKLSDFKGKKVYLKFWA
SWCGPCKKSMPELMELAAKPDRDFEILTVIAPGIQGEKTVEQFPQWFQEQGYKDIPVLYDTKATTFQAYQIRSIPTEYLI
DSQGKIGKIQFGAISNADAEAAFKEMN
;
_entity_poly.pdbx_strand_id   A,B
#
loop_
_chem_comp.id
_chem_comp.type
_chem_comp.name
_chem_comp.formula
HED non-polymer '2-HYDROXYETHYL DISULFIDE' 'C4 H10 O2 S2'
PEG non-polymer DI(HYDROXYETHYL)ETHER 'C4 H10 O3'
#
# COMPACT_ATOMS: atom_id res chain seq x y z
N VAL A 47 20.12 -28.66 8.16
CA VAL A 47 19.43 -27.44 8.54
C VAL A 47 19.56 -26.38 7.45
N GLY A 48 18.80 -25.29 7.58
CA GLY A 48 18.82 -24.19 6.64
C GLY A 48 20.23 -23.72 6.34
N LYS A 49 20.51 -23.40 5.08
CA LYS A 49 21.81 -22.83 4.72
C LYS A 49 21.89 -21.43 5.29
N ASP A 50 23.08 -21.01 5.71
CA ASP A 50 23.25 -19.66 6.20
C ASP A 50 22.96 -18.66 5.09
N ALA A 51 22.13 -17.68 5.37
CA ALA A 51 21.96 -16.55 4.47
C ALA A 51 23.28 -15.76 4.42
N PRO A 52 23.84 -15.54 3.22
CA PRO A 52 25.09 -14.78 3.17
C PRO A 52 24.96 -13.41 3.84
N ASP A 53 25.96 -13.05 4.63
CA ASP A 53 25.93 -11.78 5.34
C ASP A 53 26.29 -10.66 4.36
N PHE A 54 25.88 -9.44 4.72
CA PHE A 54 26.22 -8.27 3.95
C PHE A 54 26.18 -7.07 4.86
N THR A 55 26.89 -6.03 4.45
CA THR A 55 26.86 -4.74 5.11
C THR A 55 26.68 -3.72 4.01
N LEU A 56 25.51 -3.07 3.98
CA LEU A 56 25.18 -2.16 2.88
C LEU A 56 24.66 -0.84 3.41
N GLN A 57 24.89 0.21 2.65
CA GLN A 57 24.31 1.49 2.98
C GLN A 57 22.85 1.52 2.57
N SER A 58 22.00 2.14 3.37
CA SER A 58 20.60 2.30 3.01
C SER A 58 20.34 3.65 2.38
N MET A 59 19.18 3.74 1.76
CA MET A 59 18.68 4.94 1.13
C MET A 59 18.72 6.15 2.06
N ASP A 60 18.48 5.91 3.35
CA ASP A 60 18.53 7.01 4.33
C ASP A 60 19.86 7.07 5.09
N GLY A 61 20.89 6.46 4.55
CA GLY A 61 22.25 6.63 5.05
C GLY A 61 22.66 5.77 6.23
N LYS A 62 21.85 4.80 6.62
CA LYS A 62 22.23 3.87 7.69
C LYS A 62 23.10 2.74 7.15
N GLU A 63 23.99 2.23 7.99
CA GLU A 63 24.75 1.04 7.64
C GLU A 63 23.95 -0.15 8.14
N VAL A 64 23.57 -1.05 7.24
CA VAL A 64 22.73 -2.18 7.62
C VAL A 64 23.45 -3.50 7.37
N LYS A 65 23.60 -4.29 8.43
CA LYS A 65 24.33 -5.54 8.36
C LYS A 65 23.37 -6.68 8.72
N LEU A 66 23.27 -7.67 7.84
CA LEU A 66 22.27 -8.71 8.06
C LEU A 66 22.41 -9.41 9.41
N SER A 67 23.64 -9.74 9.80
CA SER A 67 23.81 -10.51 11.03
C SER A 67 23.50 -9.67 12.27
N ASP A 68 23.41 -8.35 12.13
CA ASP A 68 22.92 -7.54 13.26
C ASP A 68 21.46 -7.85 13.59
N PHE A 69 20.75 -8.50 12.69
CA PHE A 69 19.36 -8.88 12.94
C PHE A 69 19.22 -10.26 13.56
N LYS A 70 20.30 -10.94 13.90
CA LYS A 70 20.15 -12.21 14.59
C LYS A 70 19.31 -12.00 15.84
N GLY A 71 18.35 -12.91 16.04
CA GLY A 71 17.35 -12.77 17.08
C GLY A 71 15.99 -12.36 16.54
N LYS A 72 15.96 -11.91 15.29
CA LYS A 72 14.71 -11.54 14.61
C LYS A 72 14.70 -12.19 13.26
N LYS A 73 13.52 -12.54 12.77
CA LYS A 73 13.38 -13.05 11.42
C LYS A 73 13.53 -11.90 10.41
N VAL A 74 13.84 -12.23 9.17
CA VAL A 74 14.07 -11.21 8.15
C VAL A 74 13.41 -11.61 6.86
N TYR A 75 12.66 -10.66 6.30
CA TYR A 75 12.08 -10.74 4.96
C TYR A 75 12.99 -9.91 4.07
N LEU A 76 13.72 -10.56 3.16
CA LEU A 76 14.73 -9.91 2.32
C LEU A 76 14.28 -9.99 0.88
N LYS A 77 14.14 -8.84 0.23
CA LYS A 77 13.62 -8.79 -1.14
C LYS A 77 14.60 -8.12 -2.08
N PHE A 78 14.95 -8.82 -3.15
CA PHE A 78 15.77 -8.27 -4.23
C PHE A 78 14.88 -7.78 -5.36
N TRP A 79 15.11 -6.56 -5.83
CA TRP A 79 14.21 -5.97 -6.81
C TRP A 79 14.92 -4.89 -7.63
N ALA A 80 14.18 -4.28 -8.55
CA ALA A 80 14.68 -3.18 -9.37
C ALA A 80 13.53 -2.28 -9.78
N SER A 81 13.83 -1.00 -9.94
CA SER A 81 12.79 -0.04 -10.30
C SER A 81 12.20 -0.22 -11.69
N TRP A 82 12.93 -0.88 -12.58
CA TRP A 82 12.49 -1.08 -13.96
C TRP A 82 11.61 -2.31 -14.08
N CYS A 83 11.44 -3.05 -12.99
CA CYS A 83 10.80 -4.37 -13.00
C CYS A 83 9.33 -4.22 -12.62
N GLY A 84 8.43 -4.48 -13.57
CA GLY A 84 7.01 -4.29 -13.34
C GLY A 84 6.46 -5.11 -12.19
N PRO A 85 6.72 -6.41 -12.19
CA PRO A 85 6.22 -7.24 -11.10
C PRO A 85 6.80 -6.81 -9.75
N CYS A 86 8.03 -6.30 -9.75
CA CYS A 86 8.57 -5.73 -8.54
C CYS A 86 7.76 -4.58 -8.01
N LYS A 87 7.50 -3.61 -8.87
CA LYS A 87 6.67 -2.48 -8.47
C LYS A 87 5.27 -2.92 -8.05
N LYS A 88 4.69 -3.88 -8.77
CA LYS A 88 3.36 -4.38 -8.42
C LYS A 88 3.28 -4.87 -6.99
N SER A 89 4.39 -5.42 -6.52
CA SER A 89 4.43 -6.02 -5.20
C SER A 89 4.62 -5.00 -4.06
N MET A 90 4.99 -3.77 -4.39
CA MET A 90 5.38 -2.81 -3.35
C MET A 90 4.21 -2.36 -2.47
N PRO A 91 3.02 -2.11 -3.03
CA PRO A 91 1.94 -1.64 -2.14
C PRO A 91 1.63 -2.67 -1.04
N GLU A 92 1.58 -3.95 -1.38
CA GLU A 92 1.29 -4.95 -0.39
C GLU A 92 2.41 -5.03 0.64
N LEU A 93 3.66 -4.83 0.21
CA LEU A 93 4.78 -4.82 1.15
C LEU A 93 4.66 -3.64 2.14
N MET A 94 4.18 -2.49 1.67
CA MET A 94 3.89 -1.36 2.56
C MET A 94 2.80 -1.71 3.59
N GLU A 95 1.75 -2.44 3.17
N GLU A 95 1.79 -2.44 3.13
CA GLU A 95 0.77 -2.95 4.13
CA GLU A 95 0.74 -2.90 4.01
C GLU A 95 1.45 -3.76 5.18
C GLU A 95 1.31 -3.83 5.10
N LEU A 96 2.28 -4.68 4.72
CA LEU A 96 2.93 -5.58 5.66
C LEU A 96 3.76 -4.77 6.64
N ALA A 97 4.47 -3.76 6.14
CA ALA A 97 5.33 -2.95 7.01
C ALA A 97 4.49 -2.25 8.08
N ALA A 98 3.25 -1.91 7.75
CA ALA A 98 2.37 -1.20 8.70
C ALA A 98 1.80 -2.11 9.79
N LYS A 99 1.88 -3.42 9.59
CA LYS A 99 1.42 -4.37 10.60
C LYS A 99 2.34 -4.21 11.80
N PRO A 100 1.77 -3.91 12.97
CA PRO A 100 2.66 -3.60 14.09
C PRO A 100 3.22 -4.85 14.77
N ASP A 101 2.48 -5.95 14.74
CA ASP A 101 2.90 -7.12 15.50
C ASP A 101 3.72 -8.12 14.65
N ARG A 102 4.79 -7.62 14.02
CA ARG A 102 5.73 -8.45 13.25
C ARG A 102 6.94 -8.91 14.06
N ASP A 103 7.25 -10.21 13.97
CA ASP A 103 8.49 -10.73 14.57
C ASP A 103 9.55 -10.87 13.45
N PHE A 104 9.34 -10.15 12.34
CA PHE A 104 10.34 -10.07 11.29
C PHE A 104 10.56 -8.63 10.84
N GLU A 105 11.77 -8.38 10.36
CA GLU A 105 12.15 -7.11 9.78
C GLU A 105 12.10 -7.24 8.28
N ILE A 106 11.77 -6.13 7.61
CA ILE A 106 11.75 -6.08 6.15
C ILE A 106 12.94 -5.30 5.63
N LEU A 107 13.69 -5.91 4.72
CA LEU A 107 14.83 -5.27 4.06
C LEU A 107 14.68 -5.53 2.57
N THR A 108 14.90 -4.51 1.74
CA THR A 108 14.92 -4.70 0.30
C THR A 108 16.24 -4.19 -0.24
N VAL A 109 16.63 -4.75 -1.39
CA VAL A 109 17.94 -4.51 -1.97
C VAL A 109 17.80 -4.23 -3.46
N ILE A 110 18.44 -3.14 -3.91
CA ILE A 110 18.59 -2.80 -5.33
C ILE A 110 20.10 -2.73 -5.65
N ALA A 111 20.43 -2.66 -6.93
CA ALA A 111 21.83 -2.57 -7.36
C ALA A 111 21.95 -1.30 -8.19
N PRO A 112 22.25 -0.15 -7.54
CA PRO A 112 22.16 1.13 -8.24
C PRO A 112 23.11 1.24 -9.43
N GLY A 113 22.60 1.80 -10.52
CA GLY A 113 23.41 2.03 -11.70
C GLY A 113 23.78 0.75 -12.42
N ILE A 114 23.24 -0.38 -11.98
CA ILE A 114 23.59 -1.68 -12.52
C ILE A 114 22.39 -2.29 -13.22
N GLN A 115 22.59 -2.83 -14.42
N GLN A 115 22.62 -2.85 -14.40
CA GLN A 115 21.52 -3.51 -15.13
CA GLN A 115 21.56 -3.47 -15.20
C GLN A 115 20.25 -2.65 -15.28
C GLN A 115 20.28 -2.63 -15.20
N GLY A 116 20.42 -1.36 -15.58
CA GLY A 116 19.29 -0.47 -15.78
C GLY A 116 18.76 0.30 -14.58
N GLU A 117 19.22 -0.08 -13.39
CA GLU A 117 18.73 0.57 -12.18
C GLU A 117 19.20 2.01 -12.12
N LYS A 118 18.42 2.85 -11.46
CA LYS A 118 18.75 4.23 -11.26
C LYS A 118 20.00 4.37 -10.42
N THR A 119 20.67 5.50 -10.58
CA THR A 119 21.81 5.81 -9.73
C THR A 119 21.35 6.15 -8.33
N VAL A 120 22.26 6.13 -7.38
CA VAL A 120 21.91 6.56 -6.03
C VAL A 120 21.49 8.02 -5.98
N GLU A 121 21.94 8.81 -6.95
CA GLU A 121 21.54 10.21 -7.00
C GLU A 121 20.05 10.36 -7.35
N GLN A 122 19.52 9.44 -8.16
CA GLN A 122 18.17 9.56 -8.66
C GLN A 122 17.19 8.63 -7.94
N PHE A 123 17.67 7.54 -7.35
CA PHE A 123 16.74 6.57 -6.81
C PHE A 123 15.80 7.10 -5.72
N PRO A 124 16.31 7.83 -4.71
CA PRO A 124 15.43 8.20 -3.60
C PRO A 124 14.26 9.08 -4.03
N GLN A 125 14.53 10.01 -4.93
CA GLN A 125 13.49 10.86 -5.50
C GLN A 125 12.46 10.03 -6.25
N TRP A 126 12.94 9.08 -7.05
CA TRP A 126 12.04 8.25 -7.83
C TRP A 126 11.11 7.48 -6.89
N PHE A 127 11.70 6.91 -5.85
CA PHE A 127 10.97 6.08 -4.88
C PHE A 127 9.83 6.88 -4.25
N GLN A 128 10.14 8.09 -3.79
CA GLN A 128 9.11 8.91 -3.16
C GLN A 128 8.07 9.35 -4.18
N GLU A 129 8.48 9.63 -5.41
CA GLU A 129 7.51 10.07 -6.40
C GLU A 129 6.55 8.95 -6.82
N GLN A 130 6.89 7.70 -6.57
CA GLN A 130 5.95 6.60 -6.82
C GLN A 130 4.88 6.50 -5.74
N GLY A 131 5.05 7.23 -4.65
CA GLY A 131 4.15 7.06 -3.53
C GLY A 131 4.59 5.98 -2.55
N TYR A 132 5.82 5.48 -2.71
CA TYR A 132 6.31 4.45 -1.81
C TYR A 132 6.83 5.09 -0.53
N LYS A 133 6.64 4.37 0.57
CA LYS A 133 7.01 4.87 1.89
C LYS A 133 7.31 3.70 2.79
N ASP A 134 8.17 3.91 3.79
CA ASP A 134 8.30 2.97 4.91
C ASP A 134 8.85 1.60 4.53
N ILE A 135 9.62 1.55 3.45
CA ILE A 135 10.30 0.33 3.06
C ILE A 135 11.80 0.59 2.97
N PRO A 136 12.61 -0.10 3.80
CA PRO A 136 14.05 0.08 3.70
C PRO A 136 14.57 -0.39 2.35
N VAL A 137 15.47 0.41 1.77
CA VAL A 137 16.14 0.05 0.53
C VAL A 137 17.65 0.16 0.73
N LEU A 138 18.33 -0.95 0.47
CA LEU A 138 19.77 -1.05 0.61
C LEU A 138 20.42 -1.00 -0.76
N TYR A 139 21.55 -0.32 -0.83
CA TYR A 139 22.29 -0.10 -2.07
C TYR A 139 23.40 -1.12 -2.27
N ASP A 140 23.17 -2.10 -3.14
CA ASP A 140 24.17 -3.11 -3.42
C ASP A 140 25.05 -2.60 -4.54
N THR A 141 25.96 -1.70 -4.17
CA THR A 141 26.75 -0.87 -5.07
C THR A 141 27.58 -1.63 -6.10
N LYS A 142 27.98 -2.84 -5.74
CA LYS A 142 28.84 -3.62 -6.62
C LYS A 142 28.16 -4.93 -7.04
N ALA A 143 26.85 -5.03 -6.78
CA ALA A 143 26.04 -6.20 -7.13
C ALA A 143 26.55 -7.45 -6.40
N THR A 144 27.37 -7.23 -5.39
CA THR A 144 28.01 -8.31 -4.68
C THR A 144 27.00 -9.13 -3.88
N THR A 145 25.99 -8.47 -3.33
CA THR A 145 24.97 -9.17 -2.57
C THR A 145 24.05 -9.96 -3.52
N PHE A 146 23.63 -9.33 -4.62
CA PHE A 146 22.86 -10.06 -5.63
C PHE A 146 23.61 -11.34 -6.04
N GLN A 147 24.92 -11.22 -6.25
CA GLN A 147 25.71 -12.36 -6.66
C GLN A 147 25.75 -13.43 -5.58
N ALA A 148 25.94 -13.00 -4.34
CA ALA A 148 26.04 -13.95 -3.25
C ALA A 148 24.74 -14.74 -3.06
N TYR A 149 23.60 -14.11 -3.35
CA TYR A 149 22.30 -14.77 -3.26
C TYR A 149 21.89 -15.43 -4.57
N GLN A 150 22.81 -15.49 -5.54
CA GLN A 150 22.56 -16.17 -6.82
C GLN A 150 21.27 -15.65 -7.47
N ILE A 151 21.10 -14.33 -7.43
CA ILE A 151 19.91 -13.72 -8.01
C ILE A 151 20.00 -13.70 -9.52
N ARG A 152 19.12 -14.44 -10.18
CA ARG A 152 19.07 -14.45 -11.63
C ARG A 152 17.70 -14.02 -12.17
N SER A 153 16.80 -13.67 -11.25
CA SER A 153 15.48 -13.19 -11.60
C SER A 153 14.99 -12.35 -10.43
N ILE A 154 14.12 -11.39 -10.72
CA ILE A 154 13.51 -10.55 -9.70
C ILE A 154 12.04 -10.40 -10.03
N PRO A 155 11.23 -10.08 -9.01
CA PRO A 155 11.63 -10.01 -7.60
C PRO A 155 11.89 -11.40 -7.04
N THR A 156 12.82 -11.48 -6.09
CA THR A 156 13.07 -12.71 -5.34
C THR A 156 13.09 -12.38 -3.85
N GLU A 157 12.38 -13.20 -3.07
CA GLU A 157 12.35 -13.05 -1.63
C GLU A 157 13.03 -14.21 -0.93
N TYR A 158 13.89 -13.88 0.04
CA TYR A 158 14.48 -14.84 0.96
C TYR A 158 13.87 -14.57 2.33
N LEU A 159 13.24 -15.59 2.91
CA LEU A 159 12.69 -15.48 4.25
C LEU A 159 13.66 -16.21 5.17
N ILE A 160 14.20 -15.46 6.14
CA ILE A 160 15.34 -15.88 6.93
C ILE A 160 14.94 -15.96 8.40
N ASP A 161 15.38 -17.02 9.09
CA ASP A 161 14.94 -17.23 10.46
C ASP A 161 15.78 -16.40 11.43
N SER A 162 15.48 -16.47 12.72
CA SER A 162 16.11 -15.60 13.70
C SER A 162 17.57 -15.97 13.98
N GLN A 163 18.03 -17.08 13.44
CA GLN A 163 19.45 -17.38 13.54
C GLN A 163 20.17 -17.27 12.21
N GLY A 164 19.52 -16.60 11.25
CA GLY A 164 20.19 -16.28 10.01
C GLY A 164 20.18 -17.37 8.97
N LYS A 165 19.35 -18.38 9.14
CA LYS A 165 19.24 -19.47 8.17
C LYS A 165 18.11 -19.21 7.18
N ILE A 166 18.32 -19.62 5.95
CA ILE A 166 17.31 -19.44 4.92
C ILE A 166 16.18 -20.44 5.16
N GLY A 167 14.96 -19.91 5.28
CA GLY A 167 13.77 -20.72 5.50
C GLY A 167 12.91 -20.92 4.25
N LYS A 168 12.93 -19.95 3.33
CA LYS A 168 12.14 -20.03 2.12
C LYS A 168 12.77 -19.13 1.08
N ILE A 169 12.78 -19.60 -0.17
CA ILE A 169 13.18 -18.81 -1.32
C ILE A 169 11.98 -18.76 -2.26
N GLN A 170 11.54 -17.57 -2.61
CA GLN A 170 10.42 -17.39 -3.51
C GLN A 170 10.79 -16.55 -4.72
N PHE A 171 10.52 -17.06 -5.91
CA PHE A 171 10.67 -16.28 -7.12
C PHE A 171 9.34 -15.67 -7.49
N GLY A 172 9.31 -14.38 -7.77
CA GLY A 172 8.06 -13.70 -8.01
C GLY A 172 7.31 -13.30 -6.77
N ALA A 173 5.99 -13.45 -6.85
CA ALA A 173 5.06 -12.92 -5.87
C ALA A 173 4.91 -13.83 -4.68
N ILE A 174 4.66 -13.21 -3.52
CA ILE A 174 4.35 -13.91 -2.28
C ILE A 174 3.44 -12.97 -1.51
N SER A 175 2.29 -13.44 -1.06
CA SER A 175 1.36 -12.57 -0.35
C SER A 175 1.78 -12.38 1.11
N ASN A 176 1.17 -11.43 1.77
CA ASN A 176 1.41 -11.21 3.17
C ASN A 176 1.08 -12.46 3.97
N ALA A 177 -0.07 -13.07 3.69
CA ALA A 177 -0.42 -14.28 4.43
C ALA A 177 0.58 -15.40 4.16
N ASP A 178 1.07 -15.49 2.92
CA ASP A 178 2.08 -16.49 2.60
C ASP A 178 3.33 -16.30 3.45
N ALA A 179 3.79 -15.05 3.52
CA ALA A 179 5.00 -14.74 4.26
C ALA A 179 4.80 -15.03 5.75
N GLU A 180 3.67 -14.57 6.29
CA GLU A 180 3.37 -14.76 7.71
C GLU A 180 3.28 -16.23 8.06
N ALA A 181 2.70 -17.02 7.16
CA ALA A 181 2.61 -18.44 7.42
C ALA A 181 3.99 -19.08 7.46
N ALA A 182 4.86 -18.67 6.55
CA ALA A 182 6.21 -19.23 6.50
C ALA A 182 6.96 -18.88 7.78
N PHE A 183 6.89 -17.64 8.20
CA PHE A 183 7.61 -17.22 9.40
C PHE A 183 7.06 -17.90 10.65
N LYS A 184 5.78 -18.21 10.68
CA LYS A 184 5.20 -18.86 11.86
C LYS A 184 5.84 -20.21 12.12
N GLU A 185 6.35 -20.86 11.09
CA GLU A 185 6.97 -22.17 11.23
C GLU A 185 8.49 -22.11 11.43
N MET A 186 9.04 -20.91 11.43
CA MET A 186 10.48 -20.71 11.66
C MET A 186 10.74 -20.34 13.10
N ASN A 187 11.96 -20.59 13.56
CA ASN A 187 12.37 -20.14 14.88
C ASN A 187 13.09 -18.80 14.80
N GLN B 43 -29.72 15.24 2.25
CA GLN B 43 -29.59 16.67 2.12
C GLN B 43 -28.27 17.05 1.48
N GLN B 44 -27.96 18.34 1.48
CA GLN B 44 -26.68 18.84 0.96
C GLN B 44 -25.51 18.13 1.62
N ILE B 45 -24.49 17.76 0.85
CA ILE B 45 -23.32 17.11 1.40
C ILE B 45 -22.35 18.14 1.95
N ALA B 46 -22.81 18.91 2.92
CA ALA B 46 -22.07 20.00 3.49
C ALA B 46 -21.49 19.60 4.84
N VAL B 47 -20.39 20.25 5.21
CA VAL B 47 -19.78 20.06 6.53
C VAL B 47 -20.81 20.36 7.61
N GLY B 48 -20.87 19.48 8.60
CA GLY B 48 -21.78 19.65 9.70
C GLY B 48 -23.16 19.06 9.44
N LYS B 49 -23.39 18.56 8.23
CA LYS B 49 -24.67 18.01 7.84
C LYS B 49 -24.55 16.51 7.60
N ASP B 50 -25.68 15.82 7.63
CA ASP B 50 -25.72 14.39 7.41
C ASP B 50 -25.19 14.02 6.04
N ALA B 51 -24.23 13.10 6.00
CA ALA B 51 -23.76 12.53 4.75
C ALA B 51 -24.85 11.71 4.08
N PRO B 52 -25.11 11.95 2.80
CA PRO B 52 -26.12 11.15 2.10
C PRO B 52 -25.85 9.65 2.11
N ASP B 53 -26.88 8.86 2.42
CA ASP B 53 -26.73 7.41 2.43
C ASP B 53 -26.64 6.90 1.00
N PHE B 54 -26.16 5.69 0.85
CA PHE B 54 -26.08 5.03 -0.44
C PHE B 54 -26.05 3.54 -0.22
N THR B 55 -26.40 2.80 -1.27
CA THR B 55 -26.34 1.35 -1.25
C THR B 55 -25.69 0.93 -2.56
N LEU B 56 -24.47 0.42 -2.48
CA LEU B 56 -23.70 0.13 -3.67
C LEU B 56 -23.09 -1.25 -3.58
N GLN B 57 -23.02 -1.94 -4.71
CA GLN B 57 -22.20 -3.15 -4.78
C GLN B 57 -20.74 -2.76 -4.83
N SER B 58 -19.87 -3.67 -4.46
CA SER B 58 -18.45 -3.40 -4.41
C SER B 58 -17.66 -4.44 -5.16
N MET B 59 -16.43 -4.09 -5.48
CA MET B 59 -15.53 -4.97 -6.20
C MET B 59 -15.43 -6.33 -5.51
N ASP B 60 -15.37 -6.34 -4.19
CA ASP B 60 -15.19 -7.59 -3.49
C ASP B 60 -16.50 -8.34 -3.26
N GLY B 61 -17.61 -7.81 -3.79
CA GLY B 61 -18.88 -8.52 -3.83
C GLY B 61 -19.81 -8.28 -2.65
N LYS B 62 -19.52 -7.27 -1.83
CA LYS B 62 -20.40 -6.90 -0.74
C LYS B 62 -21.32 -5.76 -1.14
N GLU B 63 -22.56 -5.83 -0.69
CA GLU B 63 -23.44 -4.68 -0.78
C GLU B 63 -23.15 -3.80 0.42
N VAL B 64 -22.73 -2.57 0.15
CA VAL B 64 -22.27 -1.66 1.18
C VAL B 64 -23.21 -0.46 1.29
N LYS B 65 -23.61 -0.15 2.52
CA LYS B 65 -24.43 1.03 2.81
C LYS B 65 -23.66 1.90 3.79
N LEU B 66 -23.71 3.22 3.62
CA LEU B 66 -23.04 4.10 4.56
C LEU B 66 -23.59 3.86 5.97
N SER B 67 -24.89 3.58 6.04
CA SER B 67 -25.56 3.34 7.32
C SER B 67 -25.09 2.05 8.02
N ASP B 68 -24.40 1.18 7.30
CA ASP B 68 -23.75 0.05 7.93
C ASP B 68 -22.72 0.53 8.96
N PHE B 69 -22.26 1.76 8.83
CA PHE B 69 -21.12 2.26 9.62
C PHE B 69 -21.54 3.30 10.62
N LYS B 70 -22.81 3.30 11.03
CA LYS B 70 -23.23 4.16 12.14
C LYS B 70 -22.33 3.86 13.35
N GLY B 71 -21.87 4.90 14.02
CA GLY B 71 -21.02 4.74 15.19
C GLY B 71 -19.54 4.63 14.87
N LYS B 72 -19.22 4.70 13.58
CA LYS B 72 -17.84 4.68 13.16
C LYS B 72 -17.57 5.84 12.23
N LYS B 73 -16.38 6.40 12.33
CA LYS B 73 -15.94 7.44 11.43
C LYS B 73 -15.72 6.77 10.07
N VAL B 74 -15.85 7.55 9.00
CA VAL B 74 -15.71 7.01 7.65
C VAL B 74 -14.83 7.94 6.81
N TYR B 75 -13.82 7.35 6.18
CA TYR B 75 -12.98 8.01 5.18
C TYR B 75 -13.53 7.58 3.83
N LEU B 76 -14.22 8.49 3.13
CA LEU B 76 -14.95 8.18 1.91
C LEU B 76 -14.25 8.91 0.76
N LYS B 77 -13.61 8.13 -0.12
CA LYS B 77 -12.82 8.71 -1.20
C LYS B 77 -13.42 8.43 -2.56
N PHE B 78 -13.68 9.48 -3.32
CA PHE B 78 -14.16 9.40 -4.70
C PHE B 78 -12.97 9.51 -5.62
N TRP B 79 -12.80 8.56 -6.54
CA TRP B 79 -11.60 8.52 -7.36
C TRP B 79 -11.89 7.85 -8.69
N ALA B 80 -10.83 7.63 -9.47
CA ALA B 80 -10.94 6.93 -10.74
C ALA B 80 -9.62 6.29 -11.07
N SER B 81 -9.67 5.17 -11.77
CA SER B 81 -8.47 4.45 -12.17
C SER B 81 -7.55 5.26 -13.07
N TRP B 82 -8.11 6.23 -13.81
CA TRP B 82 -7.32 7.03 -14.75
C TRP B 82 -6.61 8.20 -14.09
N CYS B 83 -6.87 8.45 -12.80
CA CYS B 83 -6.43 9.66 -12.13
C CYS B 83 -5.03 9.49 -11.53
N GLY B 84 -4.08 10.31 -12.00
CA GLY B 84 -2.69 10.21 -11.61
C GLY B 84 -2.49 10.28 -10.10
N PRO B 85 -2.96 11.37 -9.49
CA PRO B 85 -2.79 11.48 -8.04
C PRO B 85 -3.49 10.35 -7.27
N CYS B 86 -4.59 9.86 -7.80
CA CYS B 86 -5.31 8.76 -7.16
C CYS B 86 -4.42 7.51 -7.13
N LYS B 87 -3.74 7.21 -8.23
CA LYS B 87 -2.85 6.06 -8.28
C LYS B 87 -1.64 6.25 -7.36
N LYS B 88 -1.05 7.43 -7.40
CA LYS B 88 0.13 7.68 -6.59
C LYS B 88 -0.15 7.49 -5.10
N SER B 89 -1.35 7.86 -4.68
N SER B 89 -1.36 7.85 -4.68
CA SER B 89 -1.70 7.82 -3.27
CA SER B 89 -1.73 7.83 -3.28
C SER B 89 -2.11 6.43 -2.78
C SER B 89 -2.27 6.50 -2.79
N MET B 90 -2.42 5.52 -3.69
CA MET B 90 -3.00 4.25 -3.29
C MET B 90 -2.09 3.43 -2.33
N PRO B 91 -0.79 3.37 -2.57
CA PRO B 91 0.03 2.60 -1.62
C PRO B 91 -0.05 3.15 -0.19
N GLU B 92 -0.04 4.46 -0.04
CA GLU B 92 -0.22 5.11 1.27
C GLU B 92 -1.59 4.75 1.88
N LEU B 93 -2.64 4.70 1.06
CA LEU B 93 -3.96 4.37 1.58
C LEU B 93 -4.01 2.91 2.07
N MET B 94 -3.30 2.03 1.38
CA MET B 94 -3.17 0.64 1.81
C MET B 94 -2.42 0.54 3.13
N GLU B 95 -1.40 1.37 3.31
CA GLU B 95 -0.73 1.44 4.60
C GLU B 95 -1.70 1.84 5.70
N LEU B 96 -2.58 2.78 5.40
CA LEU B 96 -3.57 3.23 6.36
C LEU B 96 -4.56 2.12 6.69
N ALA B 97 -4.98 1.40 5.67
CA ALA B 97 -5.91 0.28 5.86
C ALA B 97 -5.31 -0.77 6.79
N ALA B 98 -4.01 -0.96 6.70
CA ALA B 98 -3.33 -2.00 7.47
C ALA B 98 -3.19 -1.65 8.94
N LYS B 99 -3.41 -0.38 9.31
CA LYS B 99 -3.45 0.00 10.73
C LYS B 99 -4.67 -0.64 11.41
N PRO B 100 -4.45 -1.55 12.38
CA PRO B 100 -5.47 -2.47 12.89
C PRO B 100 -6.45 -1.94 13.94
N ASP B 101 -6.19 -0.75 14.46
CA ASP B 101 -6.98 -0.19 15.56
C ASP B 101 -7.66 1.12 15.17
N ARG B 102 -8.02 1.27 13.91
CA ARG B 102 -8.63 2.51 13.42
C ARG B 102 -10.01 2.73 13.97
N ASP B 103 -10.35 3.99 14.26
CA ASP B 103 -11.71 4.28 14.65
C ASP B 103 -12.49 4.82 13.44
N PHE B 104 -11.94 4.58 12.24
CA PHE B 104 -12.62 4.89 10.98
C PHE B 104 -12.52 3.75 9.97
N GLU B 105 -13.55 3.64 9.15
CA GLU B 105 -13.63 2.73 8.02
C GLU B 105 -13.19 3.45 6.75
N ILE B 106 -12.46 2.77 5.87
CA ILE B 106 -12.12 3.34 4.56
C ILE B 106 -13.04 2.76 3.50
N LEU B 107 -13.71 3.64 2.76
CA LEU B 107 -14.55 3.26 1.62
C LEU B 107 -14.15 4.13 0.44
N THR B 108 -14.04 3.53 -0.74
CA THR B 108 -13.75 4.32 -1.92
C THR B 108 -14.82 4.05 -2.97
N VAL B 109 -15.00 5.01 -3.88
CA VAL B 109 -16.09 4.97 -4.85
C VAL B 109 -15.56 5.36 -6.22
N ILE B 110 -15.89 4.54 -7.23
CA ILE B 110 -15.64 4.84 -8.64
C ILE B 110 -16.98 4.82 -9.37
N ALA B 111 -16.96 5.30 -10.62
CA ALA B 111 -18.15 5.36 -11.46
C ALA B 111 -17.90 4.54 -12.73
N PRO B 112 -18.15 3.22 -12.67
CA PRO B 112 -17.72 2.35 -13.77
C PRO B 112 -18.32 2.76 -15.12
N GLY B 113 -17.48 2.80 -16.14
CA GLY B 113 -17.95 3.09 -17.49
C GLY B 113 -18.28 4.55 -17.73
N ILE B 114 -17.99 5.42 -16.76
CA ILE B 114 -18.36 6.84 -16.83
C ILE B 114 -17.10 7.71 -16.72
N GLN B 115 -17.05 8.75 -17.53
CA GLN B 115 -15.92 9.67 -17.56
C GLN B 115 -14.56 8.97 -17.68
N GLY B 116 -14.53 7.86 -18.41
CA GLY B 116 -13.29 7.16 -18.71
C GLY B 116 -12.99 5.99 -17.81
N GLU B 117 -13.82 5.73 -16.80
CA GLU B 117 -13.57 4.62 -15.89
C GLU B 117 -13.80 3.25 -16.54
N LYS B 118 -13.11 2.23 -16.04
CA LYS B 118 -13.32 0.84 -16.49
C LYS B 118 -14.71 0.28 -16.09
N THR B 119 -15.14 -0.82 -16.70
CA THR B 119 -16.38 -1.49 -16.28
C THR B 119 -16.20 -2.40 -15.07
N VAL B 120 -17.32 -2.83 -14.52
CA VAL B 120 -17.29 -3.69 -13.35
C VAL B 120 -16.57 -4.98 -13.70
N GLU B 121 -16.78 -5.47 -14.92
CA GLU B 121 -16.16 -6.70 -15.35
C GLU B 121 -14.63 -6.61 -15.47
N GLN B 122 -14.12 -5.44 -15.87
CA GLN B 122 -12.68 -5.29 -16.13
C GLN B 122 -11.93 -4.54 -15.03
N PHE B 123 -12.65 -3.89 -14.12
CA PHE B 123 -11.97 -3.12 -13.08
C PHE B 123 -11.11 -4.00 -12.19
N PRO B 124 -11.66 -5.14 -11.76
CA PRO B 124 -10.89 -5.98 -10.84
C PRO B 124 -9.50 -6.37 -11.38
N GLN B 125 -9.42 -6.71 -12.66
CA GLN B 125 -8.15 -7.16 -13.21
C GLN B 125 -7.15 -6.01 -13.15
N TRP B 126 -7.61 -4.81 -13.47
CA TRP B 126 -6.75 -3.65 -13.42
C TRP B 126 -6.26 -3.41 -11.98
N PHE B 127 -7.17 -3.44 -11.03
CA PHE B 127 -6.87 -3.17 -9.64
C PHE B 127 -5.82 -4.16 -9.12
N GLN B 128 -6.00 -5.43 -9.46
CA GLN B 128 -5.03 -6.45 -9.06
C GLN B 128 -3.70 -6.26 -9.75
N GLU B 129 -3.72 -5.89 -11.02
CA GLU B 129 -2.48 -5.65 -11.76
C GLU B 129 -1.66 -4.53 -11.15
N GLN B 130 -2.31 -3.56 -10.53
CA GLN B 130 -1.55 -2.48 -9.90
C GLN B 130 -0.96 -2.96 -8.57
N GLY B 131 -1.36 -4.11 -8.07
CA GLY B 131 -0.92 -4.57 -6.77
C GLY B 131 -1.77 -4.05 -5.64
N TYR B 132 -2.98 -3.59 -5.95
CA TYR B 132 -3.84 -3.03 -4.91
C TYR B 132 -4.68 -4.12 -4.24
N LYS B 133 -4.99 -3.94 -2.96
CA LYS B 133 -5.90 -4.83 -2.24
C LYS B 133 -6.22 -4.19 -0.90
N ASP B 134 -7.22 -4.77 -0.25
CA ASP B 134 -7.72 -4.34 1.04
C ASP B 134 -8.22 -2.91 1.09
N ILE B 135 -8.71 -2.44 -0.06
CA ILE B 135 -9.34 -1.13 -0.12
C ILE B 135 -10.71 -1.37 -0.75
N PRO B 136 -11.81 -1.15 -0.01
CA PRO B 136 -13.12 -1.34 -0.61
C PRO B 136 -13.33 -0.37 -1.77
N VAL B 137 -13.85 -0.88 -2.88
CA VAL B 137 -14.17 -0.07 -4.06
C VAL B 137 -15.64 -0.28 -4.39
N LEU B 138 -16.43 0.75 -4.17
CA LEU B 138 -17.86 0.72 -4.43
C LEU B 138 -18.14 1.16 -5.88
N TYR B 139 -19.07 0.47 -6.52
CA TYR B 139 -19.40 0.69 -7.91
C TYR B 139 -20.62 1.62 -8.05
N ASP B 140 -20.38 2.91 -8.28
CA ASP B 140 -21.48 3.87 -8.45
C ASP B 140 -21.92 3.85 -9.92
N THR B 141 -22.59 2.77 -10.30
CA THR B 141 -22.85 2.51 -11.72
C THR B 141 -23.81 3.50 -12.39
N LYS B 142 -24.56 4.26 -11.60
CA LYS B 142 -25.47 5.28 -12.14
C LYS B 142 -24.97 6.70 -11.79
N ALA B 143 -23.79 6.77 -11.19
CA ALA B 143 -23.17 8.01 -10.75
C ALA B 143 -24.01 8.81 -9.76
N THR B 144 -24.98 8.16 -9.13
CA THR B 144 -25.87 8.87 -8.21
C THR B 144 -25.20 9.26 -6.90
N THR B 145 -24.19 8.51 -6.50
CA THR B 145 -23.46 8.86 -5.29
C THR B 145 -22.51 10.03 -5.57
N PHE B 146 -21.80 9.97 -6.71
CA PHE B 146 -21.01 11.11 -7.16
C PHE B 146 -21.88 12.35 -7.18
N GLN B 147 -23.10 12.22 -7.69
CA GLN B 147 -24.02 13.36 -7.73
C GLN B 147 -24.46 13.83 -6.35
N ALA B 148 -24.82 12.90 -5.48
CA ALA B 148 -25.27 13.27 -4.15
C ALA B 148 -24.18 13.98 -3.35
N TYR B 149 -22.92 13.63 -3.63
CA TYR B 149 -21.78 14.26 -2.95
C TYR B 149 -21.20 15.40 -3.77
N GLN B 150 -21.90 15.80 -4.82
CA GLN B 150 -21.52 16.98 -5.59
C GLN B 150 -20.07 16.93 -6.03
N ILE B 151 -19.64 15.79 -6.55
CA ILE B 151 -18.24 15.60 -6.89
C ILE B 151 -17.95 16.28 -8.23
N ARG B 152 -17.02 17.23 -8.21
CA ARG B 152 -16.66 17.96 -9.42
C ARG B 152 -15.19 17.81 -9.77
N SER B 153 -14.43 17.22 -8.87
CA SER B 153 -13.01 17.00 -9.09
C SER B 153 -12.59 15.74 -8.35
N ILE B 154 -11.45 15.22 -8.81
N ILE B 154 -11.62 15.03 -8.87
CA ILE B 154 -10.96 13.88 -8.53
CA ILE B 154 -11.12 13.91 -8.10
C ILE B 154 -9.48 13.93 -8.13
C ILE B 154 -9.62 13.99 -8.00
N PRO B 155 -9.11 13.37 -6.96
CA PRO B 155 -9.95 12.73 -5.96
C PRO B 155 -10.60 13.76 -5.03
N THR B 156 -11.66 13.34 -4.33
CA THR B 156 -12.24 14.12 -3.25
C THR B 156 -12.46 13.16 -2.10
N GLU B 157 -12.08 13.59 -0.89
CA GLU B 157 -12.32 12.80 0.30
C GLU B 157 -13.34 13.52 1.18
N TYR B 158 -14.35 12.77 1.62
CA TYR B 158 -15.27 13.19 2.67
C TYR B 158 -14.89 12.43 3.92
N LEU B 159 -14.57 13.14 4.99
CA LEU B 159 -14.29 12.53 6.28
C LEU B 159 -15.53 12.75 7.13
N ILE B 160 -16.15 11.64 7.50
CA ILE B 160 -17.49 11.62 8.12
C ILE B 160 -17.31 11.15 9.56
N ASP B 161 -18.03 11.80 10.47
CA ASP B 161 -17.91 11.48 11.89
C ASP B 161 -18.77 10.31 12.30
N SER B 162 -18.67 9.92 13.56
CA SER B 162 -19.36 8.73 14.05
C SER B 162 -20.88 8.90 14.03
N GLN B 163 -21.36 10.13 14.03
CA GLN B 163 -22.79 10.40 13.94
C GLN B 163 -23.28 10.38 12.49
N GLY B 164 -22.38 10.21 11.55
CA GLY B 164 -22.78 10.26 10.15
C GLY B 164 -22.82 11.68 9.57
N LYS B 165 -22.24 12.65 10.27
CA LYS B 165 -22.16 14.02 9.77
C LYS B 165 -20.80 14.29 9.16
N ILE B 166 -20.78 15.09 8.10
CA ILE B 166 -19.54 15.38 7.39
C ILE B 166 -18.67 16.29 8.25
N GLY B 167 -17.43 15.89 8.47
CA GLY B 167 -16.51 16.69 9.27
C GLY B 167 -15.50 17.49 8.45
N LYS B 168 -15.11 16.98 7.29
CA LYS B 168 -14.14 17.64 6.42
C LYS B 168 -14.34 17.17 5.01
N ILE B 169 -14.13 18.07 4.05
CA ILE B 169 -14.11 17.73 2.63
C ILE B 169 -12.77 18.21 2.09
N GLN B 170 -11.99 17.30 1.51
N GLN B 170 -12.01 17.31 1.48
CA GLN B 170 -10.73 17.67 0.86
CA GLN B 170 -10.73 17.65 0.87
C GLN B 170 -10.83 17.43 -0.62
C GLN B 170 -10.81 17.42 -0.63
N PHE B 171 -10.55 18.48 -1.39
CA PHE B 171 -10.36 18.38 -2.83
C PHE B 171 -8.91 18.02 -3.08
N GLY B 172 -8.68 16.97 -3.84
CA GLY B 172 -7.33 16.52 -4.09
C GLY B 172 -6.88 15.61 -2.98
N ALA B 173 -5.63 15.20 -3.08
CA ALA B 173 -5.12 14.18 -2.18
C ALA B 173 -5.05 14.70 -0.74
N ILE B 174 -5.04 13.76 0.19
CA ILE B 174 -4.90 14.06 1.62
C ILE B 174 -3.94 13.01 2.22
N SER B 175 -2.96 13.45 2.99
CA SER B 175 -2.04 12.49 3.58
C SER B 175 -2.70 11.76 4.74
N ASN B 176 -2.14 10.61 5.12
CA ASN B 176 -2.68 9.87 6.26
C ASN B 176 -2.69 10.70 7.53
N ALA B 177 -1.60 11.40 7.81
CA ALA B 177 -1.54 12.21 9.03
C ALA B 177 -2.56 13.33 8.99
N ASP B 178 -2.79 13.93 7.83
CA ASP B 178 -3.82 14.96 7.73
C ASP B 178 -5.19 14.38 8.07
N ALA B 179 -5.48 13.22 7.50
CA ALA B 179 -6.79 12.59 7.76
C ALA B 179 -6.94 12.23 9.23
N GLU B 180 -5.91 11.65 9.82
N GLU B 180 -5.90 11.64 9.81
CA GLU B 180 -5.99 11.26 11.22
CA GLU B 180 -5.95 11.27 11.21
C GLU B 180 -6.14 12.49 12.14
C GLU B 180 -6.14 12.48 12.13
N ALA B 181 -5.48 13.58 11.82
CA ALA B 181 -5.60 14.79 12.60
C ALA B 181 -7.03 15.31 12.53
N ALA B 182 -7.65 15.26 11.36
CA ALA B 182 -9.04 15.71 11.22
C ALA B 182 -9.98 14.81 12.03
N PHE B 183 -9.81 13.49 11.91
CA PHE B 183 -10.68 12.57 12.62
C PHE B 183 -10.54 12.71 14.14
N LYS B 184 -9.36 13.07 14.63
CA LYS B 184 -9.15 13.17 16.06
C LYS B 184 -10.05 14.22 16.68
N GLU B 185 -10.44 15.22 15.90
CA GLU B 185 -11.25 16.32 16.41
C GLU B 185 -12.76 16.05 16.25
N MET B 186 -13.13 14.95 15.61
CA MET B 186 -14.53 14.62 15.36
C MET B 186 -15.10 13.65 16.40
N ASN B 187 -16.43 13.68 16.54
CA ASN B 187 -17.14 12.69 17.33
C ASN B 187 -16.87 11.30 16.78
C1 HED C . 21.27 -6.56 -10.46
O1 HED C . 22.60 -6.96 -10.28
C2 HED C . 20.47 -7.74 -10.99
S3 HED C . 18.83 -7.35 -11.60
S4 HED C . 18.07 -9.24 -11.81
C5 HED C . 18.04 -9.55 -13.60
C6 HED C . 18.74 -10.84 -13.97
O6 HED C . 18.96 -10.89 -15.37
H11 HED C . 21.21 -5.73 -11.17
H12 HED C . 20.85 -6.22 -9.51
HO1 HED C . 22.70 -7.90 -10.54
H21 HED C . 20.38 -8.47 -10.19
H22 HED C . 21.05 -8.21 -11.78
H51 HED C . 18.53 -8.72 -14.11
H52 HED C . 17.01 -9.59 -13.93
H61 HED C . 19.70 -10.91 -13.45
H62 HED C . 18.14 -11.70 -13.67
HO6 HED C . 19.48 -11.69 -15.59
C1 PEG D . 14.54 -10.47 -13.72
O1 PEG D . 15.50 -11.18 -14.31
C2 PEG D . 13.23 -10.98 -14.14
O2 PEG D . 12.99 -12.20 -13.52
C3 PEG D . 12.01 -13.06 -14.07
C4 PEG D . 12.50 -13.56 -15.38
O4 PEG D . 11.74 -14.63 -15.81
C1 HED E . -20.92 11.77 -13.96
O1 HED E . -21.14 12.51 -15.13
C2 HED E . -19.43 11.52 -13.83
S3 HED E . -18.93 10.91 -12.21
S4 HED E . -16.90 11.09 -12.28
C5 HED E . -16.56 12.81 -11.85
C6 HED E . -15.35 13.36 -12.61
O6 HED E . -14.98 14.61 -12.08
H11 HED E . -21.29 12.31 -13.09
H12 HED E . -21.44 10.81 -14.02
HO1 HED E . -20.29 12.70 -15.58
H21 HED E . -19.11 10.81 -14.59
H22 HED E . -18.89 12.46 -14.02
H51 HED E . -16.38 12.89 -10.78
H52 HED E . -17.43 13.43 -12.08
H61 HED E . -15.61 13.48 -13.66
H62 HED E . -14.52 12.67 -12.53
HO6 HED E . -14.22 14.97 -12.57
#